data_6IYI
#
_entry.id   6IYI
#
_cell.length_a   53.980
_cell.length_b   61.410
_cell.length_c   102.366
_cell.angle_alpha   90.00
_cell.angle_beta   97.75
_cell.angle_gamma   90.00
#
_symmetry.space_group_name_H-M   'I 1 2 1'
#
loop_
_entity.id
_entity.type
_entity.pdbx_description
1 polymer 'Alpha chain'
2 polymer 'Beta chain'
3 non-polymer 'PROTOPORPHYRIN IX CONTAINING FE'
4 non-polymer GLYCEROL
5 water water
#
loop_
_entity_poly.entity_id
_entity_poly.type
_entity_poly.pdbx_seq_one_letter_code
_entity_poly.pdbx_strand_id
1 'polypeptide(L)'
;SLTSADKSHVRSIWSKAGGSAEEIGAEALGRMLESFPNTKTYFDHYADLSVSSAQVHTHGKKIIDALTTAVNHIDDITGA
LSSLSTLHAQTLRVDPANFKILSHTILVVLALYFPADFTPEVHLACDKFLANVSHALADNYR
;
A
2 'polypeptide(L)'
;VKWTDSERFAITTLWAKVDVERVGAQALVRLLVVYPWTQRYFGAFGNISDAAAIAGNAKVHAHGKTVLSSVGIAIAHMDD
LAGAFTALSAFHSETLHVDPDNFEHFGDCLSIVLAATFGTAYTPDVHAAWQKMIAVIISALSKEYH
;
B
#
loop_
_chem_comp.id
_chem_comp.type
_chem_comp.name
_chem_comp.formula
GOL non-polymer GLYCEROL 'C3 H8 O3'
HEM non-polymer 'PROTOPORPHYRIN IX CONTAINING FE' 'C34 H32 Fe N4 O4'
#
# COMPACT_ATOMS: atom_id res chain seq x y z
N SER A 1 19.62 -4.09 -0.14
CA SER A 1 20.12 -2.70 -0.26
C SER A 1 19.57 -2.10 -1.50
N LEU A 2 19.52 -0.79 -1.48
CA LEU A 2 19.06 -0.09 -2.63
C LEU A 2 20.14 -0.13 -3.69
N THR A 3 19.79 -0.44 -4.93
CA THR A 3 20.76 -0.31 -6.00
C THR A 3 20.85 1.15 -6.49
N SER A 4 21.84 1.45 -7.34
CA SER A 4 21.93 2.75 -8.00
C SER A 4 20.63 3.07 -8.75
N ALA A 5 20.10 2.11 -9.54
CA ALA A 5 18.83 2.32 -10.21
C ALA A 5 17.65 2.65 -9.21
N ASP A 6 17.60 1.96 -8.07
CA ASP A 6 16.63 2.25 -6.99
C ASP A 6 16.72 3.70 -6.49
N LYS A 7 17.94 4.13 -6.21
CA LYS A 7 18.17 5.45 -5.65
C LYS A 7 17.84 6.55 -6.63
N SER A 8 18.16 6.34 -7.90
CA SER A 8 17.71 7.24 -8.96
C SER A 8 16.21 7.40 -9.01
N HIS A 9 15.52 6.25 -8.97
CA HIS A 9 14.05 6.22 -8.95
C HIS A 9 13.47 6.94 -7.71
N VAL A 10 14.03 6.68 -6.52
CA VAL A 10 13.58 7.34 -5.30
C VAL A 10 13.81 8.85 -5.42
N ARG A 11 15.06 9.25 -5.78
CA ARG A 11 15.33 10.72 -5.95
C ARG A 11 14.45 11.38 -6.99
N SER A 12 14.05 10.63 -8.01
CA SER A 12 13.24 11.16 -9.06
C SER A 12 11.87 11.48 -8.56
N ILE A 13 11.19 10.49 -8.01
CA ILE A 13 9.82 10.69 -7.55
C ILE A 13 9.79 11.73 -6.38
N TRP A 14 10.79 11.69 -5.50
CA TRP A 14 10.85 12.64 -4.40
C TRP A 14 11.10 14.11 -4.86
N SER A 15 11.89 14.27 -5.95
CA SER A 15 12.14 15.58 -6.59
C SER A 15 10.84 16.12 -7.13
N LYS A 16 10.01 15.24 -7.68
CA LYS A 16 8.76 15.65 -8.22
C LYS A 16 7.70 16.01 -7.13
N ALA A 17 7.81 15.44 -5.94
CA ALA A 17 6.80 15.58 -4.90
C ALA A 17 7.14 16.48 -3.71
N GLY A 18 8.43 16.67 -3.44
CA GLY A 18 8.95 17.31 -2.23
C GLY A 18 8.47 18.75 -2.09
N GLY A 19 8.20 19.40 -3.23
CA GLY A 19 7.55 20.71 -3.23
C GLY A 19 6.14 20.76 -2.65
N SER A 20 5.47 19.60 -2.53
CA SER A 20 4.15 19.55 -1.95
C SER A 20 4.21 18.89 -0.56
N ALA A 21 5.29 19.08 0.18
CA ALA A 21 5.54 18.35 1.43
C ALA A 21 4.33 18.29 2.40
N GLU A 22 3.76 19.46 2.63
CA GLU A 22 2.67 19.62 3.53
C GLU A 22 1.44 18.90 3.04
N GLU A 23 1.03 19.17 1.79
CA GLU A 23 -0.15 18.52 1.24
C GLU A 23 0.00 16.99 1.23
N ILE A 24 1.14 16.53 0.75
CA ILE A 24 1.46 15.11 0.65
C ILE A 24 1.49 14.48 2.02
N GLY A 25 2.19 15.09 2.96
CA GLY A 25 2.29 14.56 4.32
C GLY A 25 0.97 14.56 5.06
N ALA A 26 0.16 15.59 4.87
CA ALA A 26 -1.18 15.60 5.48
C ALA A 26 -2.12 14.53 4.95
N GLU A 27 -2.07 14.30 3.62
CA GLU A 27 -2.77 13.18 3.01
C GLU A 27 -2.31 11.84 3.54
N ALA A 28 -1.00 11.65 3.63
CA ALA A 28 -0.48 10.35 4.07
C ALA A 28 -0.82 10.05 5.53
N LEU A 29 -0.65 11.04 6.40
CA LEU A 29 -0.96 10.95 7.83
C LEU A 29 -2.44 10.79 8.04
N GLY A 30 -3.20 11.71 7.47
CA GLY A 30 -4.66 11.63 7.47
C GLY A 30 -5.15 10.27 7.07
N ARG A 31 -4.57 9.72 5.99
CA ARG A 31 -5.02 8.41 5.49
C ARG A 31 -4.64 7.27 6.41
N MET A 32 -3.44 7.35 6.97
CA MET A 32 -3.05 6.34 7.98
C MET A 32 -4.08 6.28 9.12
N LEU A 33 -4.37 7.46 9.67
CA LEU A 33 -5.32 7.61 10.79
C LEU A 33 -6.73 7.10 10.45
N GLU A 34 -7.24 7.38 9.25
CA GLU A 34 -8.59 6.94 8.91
C GLU A 34 -8.65 5.48 8.39
N SER A 35 -7.71 5.06 7.53
CA SER A 35 -7.76 3.71 6.96
C SER A 35 -7.31 2.61 7.96
N PHE A 36 -6.40 3.01 8.86
CA PHE A 36 -5.84 2.11 9.86
C PHE A 36 -6.13 2.75 11.24
N PRO A 37 -7.36 2.66 11.67
CA PRO A 37 -7.75 3.42 12.86
C PRO A 37 -7.11 3.01 14.17
N ASN A 38 -6.43 1.88 14.22
CA ASN A 38 -5.63 1.56 15.44
C ASN A 38 -4.44 2.52 15.66
N THR A 39 -4.13 3.34 14.65
CA THR A 39 -3.06 4.34 14.79
C THR A 39 -3.53 5.62 15.52
N LYS A 40 -4.82 5.84 15.62
CA LYS A 40 -5.36 7.16 16.07
C LYS A 40 -4.97 7.46 17.51
N THR A 41 -4.83 6.44 18.35
CA THR A 41 -4.44 6.65 19.75
C THR A 41 -3.11 7.45 19.86
N TYR A 42 -2.19 7.23 18.92
CA TYR A 42 -0.95 8.03 18.91
C TYR A 42 -1.12 9.53 18.67
N PHE A 43 -2.21 9.93 18.04
CA PHE A 43 -2.46 11.33 17.74
C PHE A 43 -3.74 11.86 18.43
N ASP A 44 -4.13 11.17 19.49
CA ASP A 44 -5.29 11.49 20.33
C ASP A 44 -5.25 12.85 21.04
N HIS A 45 -4.08 13.45 21.06
CA HIS A 45 -3.85 14.79 21.53
C HIS A 45 -4.25 15.89 20.56
N TYR A 46 -4.45 15.53 19.29
CA TYR A 46 -4.91 16.46 18.29
C TYR A 46 -6.43 16.47 18.40
N ALA A 47 -7.00 17.65 18.24
CA ALA A 47 -8.46 17.90 18.20
C ALA A 47 -9.03 17.46 16.88
N ASP A 48 -8.25 17.56 15.79
CA ASP A 48 -8.73 17.17 14.47
C ASP A 48 -7.72 16.23 13.78
N LEU A 49 -8.14 15.04 13.40
CA LEU A 49 -7.28 14.07 12.68
C LEU A 49 -7.51 14.11 11.14
N SER A 50 -8.37 15.01 10.67
CA SER A 50 -8.71 15.10 9.21
C SER A 50 -7.60 15.72 8.40
N VAL A 51 -7.66 15.52 7.09
CA VAL A 51 -6.64 16.08 6.24
C VAL A 51 -6.60 17.61 6.32
N SER A 52 -7.72 18.27 6.60
CA SER A 52 -7.69 19.74 6.72
C SER A 52 -7.16 20.19 8.08
N SER A 53 -7.14 19.33 9.10
CA SER A 53 -6.55 19.69 10.42
C SER A 53 -5.21 20.44 10.24
N ALA A 54 -5.09 21.62 10.88
CA ALA A 54 -3.82 22.35 10.92
C ALA A 54 -2.67 21.58 11.63
N GLN A 55 -3.00 20.79 12.64
CA GLN A 55 -2.00 19.95 13.31
C GLN A 55 -1.54 18.79 12.39
N VAL A 56 -2.47 18.19 11.66
CA VAL A 56 -2.16 17.17 10.68
C VAL A 56 -1.28 17.76 9.54
N HIS A 57 -1.57 18.98 9.07
CA HIS A 57 -0.72 19.70 8.14
C HIS A 57 0.70 19.95 8.67
N THR A 58 0.81 20.49 9.87
CA THR A 58 2.12 20.77 10.45
C THR A 58 2.91 19.45 10.62
N HIS A 59 2.26 18.42 11.14
CA HIS A 59 3.00 17.19 11.35
C HIS A 59 3.31 16.44 10.04
N GLY A 60 2.38 16.47 9.10
CA GLY A 60 2.62 15.87 7.78
C GLY A 60 3.84 16.41 7.08
N LYS A 61 4.03 17.73 7.18
CA LYS A 61 5.23 18.37 6.63
C LYS A 61 6.48 17.90 7.30
N LYS A 62 6.41 17.66 8.60
CA LYS A 62 7.58 17.12 9.33
C LYS A 62 8.03 15.72 8.87
N ILE A 63 7.03 14.90 8.64
CA ILE A 63 7.23 13.50 8.19
C ILE A 63 7.94 13.54 6.81
N ILE A 64 7.33 14.23 5.85
CA ILE A 64 7.86 14.36 4.47
C ILE A 64 9.24 15.02 4.46
N ASP A 65 9.44 16.08 5.22
CA ASP A 65 10.81 16.67 5.39
C ASP A 65 11.88 15.72 5.96
N ALA A 66 11.52 14.91 6.96
CA ALA A 66 12.40 13.87 7.49
C ALA A 66 12.73 12.83 6.41
N LEU A 67 11.74 12.46 5.61
CA LEU A 67 12.00 11.52 4.49
C LEU A 67 12.88 12.15 3.39
N THR A 68 12.60 13.40 3.03
CA THR A 68 13.49 14.18 2.15
C THR A 68 14.93 14.17 2.63
N THR A 69 15.12 14.32 3.92
CA THR A 69 16.50 14.30 4.46
C THR A 69 17.07 12.95 4.22
N ALA A 70 16.33 11.88 4.53
CA ALA A 70 16.80 10.53 4.21
C ALA A 70 17.11 10.29 2.73
N VAL A 71 16.31 10.87 1.84
CA VAL A 71 16.52 10.72 0.40
C VAL A 71 17.82 11.42 0.01
N ASN A 72 18.08 12.55 0.64
CA ASN A 72 19.34 13.26 0.41
C ASN A 72 20.54 12.58 1.13
N HIS A 73 20.33 11.62 2.05
CA HIS A 73 21.45 10.87 2.67
C HIS A 73 21.16 9.40 2.49
N ILE A 74 20.82 9.06 1.25
CA ILE A 74 20.25 7.76 0.91
C ILE A 74 21.25 6.62 1.06
N ASP A 75 22.56 6.93 1.08
CA ASP A 75 23.57 5.91 1.33
C ASP A 75 23.75 5.70 2.79
N ASP A 76 23.30 6.59 3.68
CA ASP A 76 23.20 6.24 5.10
C ASP A 76 21.90 6.70 5.79
N ILE A 77 20.89 5.87 5.62
CA ILE A 77 19.57 6.12 6.16
C ILE A 77 19.61 5.95 7.72
N THR A 78 20.30 4.92 8.21
CA THR A 78 20.60 4.70 9.65
C THR A 78 21.07 5.91 10.42
N GLY A 79 22.11 6.56 9.93
CA GLY A 79 22.62 7.74 10.59
C GLY A 79 21.68 8.92 10.48
N ALA A 80 21.00 9.03 9.33
CA ALA A 80 20.08 10.12 9.13
C ALA A 80 18.89 10.04 10.15
N LEU A 81 18.43 8.84 10.43
CA LEU A 81 17.19 8.60 11.19
C LEU A 81 17.37 8.04 12.64
N SER A 82 18.61 7.89 13.13
CA SER A 82 18.83 7.21 14.42
C SER A 82 18.24 8.02 15.61
N SER A 83 18.44 9.31 15.59
CA SER A 83 17.76 10.23 16.48
C SER A 83 16.22 10.06 16.49
N LEU A 84 15.60 10.01 15.31
CA LEU A 84 14.15 9.78 15.21
C LEU A 84 13.77 8.41 15.71
N SER A 85 14.65 7.43 15.52
CA SER A 85 14.43 6.09 16.04
C SER A 85 14.29 6.14 17.57
N THR A 86 15.26 6.78 18.22
CA THR A 86 15.28 6.95 19.70
C THR A 86 14.03 7.61 20.20
N LEU A 87 13.66 8.68 19.50
CA LEU A 87 12.49 9.42 19.78
C LEU A 87 11.24 8.52 19.68
N HIS A 88 11.07 7.83 18.57
CA HIS A 88 9.85 7.02 18.45
C HIS A 88 9.84 5.88 19.47
N ALA A 89 11.02 5.33 19.76
CA ALA A 89 11.11 4.22 20.71
C ALA A 89 10.94 4.62 22.16
N GLN A 90 11.65 5.67 22.59
CA GLN A 90 11.75 5.96 24.03
C GLN A 90 10.80 7.05 24.49
N THR A 91 10.57 8.05 23.66
CA THR A 91 9.76 9.18 24.07
C THR A 91 8.36 8.93 23.60
N LEU A 92 8.16 8.69 22.29
CA LEU A 92 6.79 8.54 21.78
C LEU A 92 6.18 7.15 22.06
N ARG A 93 7.02 6.17 22.31
CA ARG A 93 6.56 4.80 22.49
C ARG A 93 5.60 4.28 21.39
N VAL A 94 5.96 4.54 20.11
CA VAL A 94 5.20 4.02 18.96
C VAL A 94 5.51 2.55 18.70
N ASP A 95 4.51 1.68 18.78
CA ASP A 95 4.72 0.24 18.47
C ASP A 95 5.23 0.17 17.05
N PRO A 96 6.40 -0.51 16.79
CA PRO A 96 7.06 -0.38 15.49
C PRO A 96 6.32 -1.17 14.33
N ALA A 97 5.41 -2.04 14.67
CA ALA A 97 4.45 -2.50 13.65
C ALA A 97 3.72 -1.40 12.89
N ASN A 98 3.62 -0.20 13.45
CA ASN A 98 2.94 0.88 12.76
C ASN A 98 3.77 1.50 11.63
N PHE A 99 5.08 1.35 11.63
CA PHE A 99 5.88 2.00 10.60
C PHE A 99 5.47 1.57 9.14
N LYS A 100 5.13 0.30 8.94
CA LYS A 100 4.78 -0.16 7.61
C LYS A 100 3.43 0.47 7.21
N ILE A 101 2.62 0.84 8.18
CA ILE A 101 1.34 1.39 7.84
C ILE A 101 1.51 2.78 7.19
N LEU A 102 2.30 3.66 7.79
CA LEU A 102 2.57 4.97 7.20
C LEU A 102 3.34 4.82 5.92
N SER A 103 4.26 3.85 5.85
CA SER A 103 4.94 3.59 4.58
C SER A 103 3.94 3.30 3.45
N HIS A 104 2.96 2.44 3.74
CA HIS A 104 2.00 2.13 2.74
C HIS A 104 1.18 3.38 2.33
N THR A 105 0.70 4.22 3.29
CA THR A 105 -0.12 5.32 2.89
C THR A 105 0.71 6.37 2.12
N ILE A 106 1.99 6.49 2.41
CA ILE A 106 2.90 7.30 1.62
C ILE A 106 2.90 6.83 0.16
N LEU A 107 3.09 5.53 -0.05
CA LEU A 107 3.03 4.99 -1.40
C LEU A 107 1.71 5.25 -2.09
N VAL A 108 0.63 5.08 -1.36
CA VAL A 108 -0.69 5.39 -1.92
C VAL A 108 -0.76 6.83 -2.43
N VAL A 109 -0.22 7.75 -1.62
CA VAL A 109 -0.34 9.18 -1.92
C VAL A 109 0.54 9.54 -3.09
N LEU A 110 1.72 8.93 -3.16
CA LEU A 110 2.57 9.13 -4.31
C LEU A 110 1.93 8.65 -5.57
N ALA A 111 1.26 7.48 -5.53
CA ALA A 111 0.51 6.98 -6.66
C ALA A 111 -0.59 7.94 -7.13
N LEU A 112 -1.30 8.46 -6.15
CA LEU A 112 -2.45 9.29 -6.36
C LEU A 112 -2.09 10.61 -7.05
N TYR A 113 -1.00 11.21 -6.59
CA TYR A 113 -0.59 12.50 -7.05
C TYR A 113 0.34 12.45 -8.22
N PHE A 114 1.08 11.36 -8.41
CA PHE A 114 2.04 11.25 -9.53
C PHE A 114 1.96 9.90 -10.22
N PRO A 115 0.75 9.51 -10.70
CA PRO A 115 0.51 8.20 -11.26
C PRO A 115 1.43 7.85 -12.42
N ALA A 116 1.79 8.80 -13.28
CA ALA A 116 2.72 8.52 -14.35
C ALA A 116 4.18 8.41 -13.93
N ASP A 117 4.55 8.97 -12.80
CA ASP A 117 5.87 8.87 -12.33
C ASP A 117 6.09 7.60 -11.49
N PHE A 118 4.99 7.13 -10.92
CA PHE A 118 5.02 6.05 -9.94
C PHE A 118 4.79 4.76 -10.68
N THR A 119 5.72 4.41 -11.58
CA THR A 119 5.63 3.21 -12.40
C THR A 119 5.93 2.03 -11.45
N PRO A 120 5.67 0.80 -11.87
CA PRO A 120 6.04 -0.36 -11.05
C PRO A 120 7.46 -0.42 -10.47
N GLU A 121 8.44 -0.07 -11.28
CA GLU A 121 9.85 -0.01 -10.82
C GLU A 121 10.11 1.12 -9.83
N VAL A 122 9.50 2.27 -10.04
CA VAL A 122 9.59 3.33 -9.04
C VAL A 122 8.95 2.91 -7.73
N HIS A 123 7.83 2.22 -7.83
CA HIS A 123 7.12 1.67 -6.64
C HIS A 123 8.07 0.70 -5.93
N LEU A 124 8.72 -0.19 -6.67
CA LEU A 124 9.64 -1.10 -6.09
C LEU A 124 10.75 -0.40 -5.32
N ALA A 125 11.35 0.58 -5.99
CA ALA A 125 12.37 1.38 -5.37
C ALA A 125 11.88 2.09 -4.13
N CYS A 126 10.70 2.68 -4.23
CA CYS A 126 10.18 3.43 -3.11
C CYS A 126 9.75 2.54 -2.00
N ASP A 127 9.23 1.38 -2.36
CA ASP A 127 8.96 0.36 -1.29
C ASP A 127 10.25 -0.13 -0.57
N LYS A 128 11.33 -0.41 -1.29
CA LYS A 128 12.59 -0.78 -0.66
C LYS A 128 13.06 0.36 0.25
N PHE A 129 12.94 1.61 -0.24
CA PHE A 129 13.45 2.77 0.47
C PHE A 129 12.69 3.00 1.76
N LEU A 130 11.38 2.86 1.73
CA LEU A 130 10.59 3.02 3.00
C LEU A 130 10.73 1.83 3.92
N ALA A 131 11.02 0.63 3.40
CA ALA A 131 11.34 -0.50 4.27
C ALA A 131 12.62 -0.24 4.97
N ASN A 132 13.57 0.37 4.27
CA ASN A 132 14.88 0.65 4.84
C ASN A 132 14.65 1.71 5.94
N VAL A 133 13.86 2.76 5.65
CA VAL A 133 13.55 3.83 6.61
C VAL A 133 12.88 3.21 7.88
N SER A 134 11.92 2.36 7.67
CA SER A 134 11.23 1.65 8.76
C SER A 134 12.16 0.75 9.58
N HIS A 135 13.08 0.05 8.89
CA HIS A 135 14.03 -0.85 9.55
C HIS A 135 14.96 0.02 10.41
N ALA A 136 15.44 1.14 9.86
CA ALA A 136 16.18 2.17 10.59
C ALA A 136 15.46 2.75 11.84
N LEU A 137 14.23 3.22 11.66
CA LEU A 137 13.43 3.67 12.82
C LEU A 137 13.18 2.57 13.83
N ALA A 138 13.06 1.31 13.40
CA ALA A 138 12.88 0.23 14.38
C ALA A 138 14.18 -0.14 15.10
N ASP A 139 15.33 0.37 14.65
CA ASP A 139 16.59 -0.26 15.10
C ASP A 139 16.84 -0.07 16.64
N ASN A 140 16.39 1.01 17.26
CA ASN A 140 16.67 1.28 18.66
C ASN A 140 15.64 0.70 19.63
N TYR A 141 14.68 -0.08 19.13
CA TYR A 141 13.59 -0.53 19.95
C TYR A 141 14.00 -1.62 20.94
N ARG A 142 15.04 -2.41 20.66
CA ARG A 142 15.49 -3.51 21.52
C ARG A 142 16.98 -3.97 21.33
N VAL B 1 -18.73 -9.54 9.40
CA VAL B 1 -18.35 -8.10 9.25
C VAL B 1 -19.64 -7.30 9.18
N LYS B 2 -19.62 -6.13 9.80
CA LYS B 2 -20.71 -5.15 9.77
C LYS B 2 -20.32 -3.96 8.88
N TRP B 3 -21.17 -3.55 7.95
CA TRP B 3 -20.80 -2.43 7.05
C TRP B 3 -21.67 -1.26 7.30
N THR B 4 -21.13 -0.05 7.28
CA THR B 4 -22.00 1.13 7.22
C THR B 4 -22.51 1.32 5.81
N ASP B 5 -23.62 2.03 5.68
CA ASP B 5 -24.20 2.37 4.37
C ASP B 5 -23.23 3.21 3.53
N SER B 6 -22.55 4.15 4.17
CA SER B 6 -21.51 4.95 3.54
C SER B 6 -20.34 4.09 2.97
N GLU B 7 -19.95 3.04 3.69
CA GLU B 7 -18.90 2.08 3.25
C GLU B 7 -19.39 1.30 2.02
N ARG B 8 -20.58 0.76 2.17
CA ARG B 8 -21.29 0.06 1.13
C ARG B 8 -21.34 0.80 -0.17
N PHE B 9 -21.77 2.04 -0.08
CA PHE B 9 -21.92 2.91 -1.21
C PHE B 9 -20.55 3.35 -1.77
N ALA B 10 -19.58 3.60 -0.90
CA ALA B 10 -18.23 3.98 -1.34
C ALA B 10 -17.65 2.88 -2.20
N ILE B 11 -17.85 1.67 -1.76
CA ILE B 11 -17.34 0.54 -2.49
C ILE B 11 -18.04 0.29 -3.84
N THR B 12 -19.38 0.27 -3.82
CA THR B 12 -20.08 -0.15 -5.03
C THR B 12 -20.01 0.90 -6.12
N THR B 13 -20.02 2.15 -5.74
CA THR B 13 -19.88 3.28 -6.64
C THR B 13 -18.52 3.37 -7.30
N LEU B 14 -17.46 3.17 -6.51
CA LEU B 14 -16.11 3.14 -7.08
C LEU B 14 -16.02 1.98 -8.02
N TRP B 15 -16.55 0.86 -7.62
CA TRP B 15 -16.50 -0.38 -8.40
C TRP B 15 -17.21 -0.24 -9.77
N ALA B 16 -18.27 0.55 -9.80
CA ALA B 16 -19.01 0.78 -11.03
C ALA B 16 -18.13 1.49 -12.07
N LYS B 17 -17.06 2.16 -11.65
CA LYS B 17 -16.11 2.80 -12.59
C LYS B 17 -14.80 2.04 -12.79
N VAL B 18 -14.65 0.90 -12.17
CA VAL B 18 -13.41 0.13 -12.33
C VAL B 18 -13.38 -0.66 -13.64
N ASP B 19 -12.37 -0.40 -14.46
CA ASP B 19 -11.97 -1.27 -15.56
C ASP B 19 -11.15 -2.43 -14.98
N VAL B 20 -11.80 -3.60 -14.93
CA VAL B 20 -11.24 -4.79 -14.23
C VAL B 20 -10.05 -5.29 -15.03
N GLU B 21 -10.06 -5.04 -16.32
CA GLU B 21 -8.87 -5.31 -17.15
C GLU B 21 -7.62 -4.46 -16.81
N ARG B 22 -7.75 -3.14 -16.87
CA ARG B 22 -6.60 -2.28 -16.69
C ARG B 22 -6.18 -2.38 -15.20
N VAL B 23 -7.12 -2.29 -14.26
CA VAL B 23 -6.82 -2.30 -12.79
C VAL B 23 -6.24 -3.64 -12.36
N GLY B 24 -6.84 -4.70 -12.87
CA GLY B 24 -6.36 -6.05 -12.55
C GLY B 24 -4.98 -6.37 -13.11
N ALA B 25 -4.73 -6.06 -14.39
CA ALA B 25 -3.39 -6.11 -14.95
C ALA B 25 -2.38 -5.30 -14.15
N GLN B 26 -2.70 -4.04 -13.89
CA GLN B 26 -1.77 -3.16 -13.17
C GLN B 26 -1.49 -3.63 -11.73
N ALA B 27 -2.51 -4.16 -11.03
CA ALA B 27 -2.29 -4.63 -9.68
C ALA B 27 -1.37 -5.82 -9.72
N LEU B 28 -1.67 -6.79 -10.62
CA LEU B 28 -0.83 -7.98 -10.67
C LEU B 28 0.57 -7.66 -11.15
N VAL B 29 0.70 -6.75 -12.14
CA VAL B 29 2.02 -6.30 -12.54
C VAL B 29 2.81 -5.79 -11.34
N ARG B 30 2.20 -4.95 -10.54
CA ARG B 30 2.89 -4.43 -9.37
C ARG B 30 3.26 -5.53 -8.40
N LEU B 31 2.39 -6.50 -8.18
CA LEU B 31 2.74 -7.58 -7.28
C LEU B 31 4.04 -8.31 -7.73
N LEU B 32 4.07 -8.66 -9.02
CA LEU B 32 5.19 -9.40 -9.61
C LEU B 32 6.51 -8.59 -9.67
N VAL B 33 6.44 -7.27 -9.86
CA VAL B 33 7.61 -6.46 -9.83
C VAL B 33 8.09 -6.08 -8.39
N VAL B 34 7.17 -5.67 -7.54
CA VAL B 34 7.53 -5.13 -6.23
C VAL B 34 7.88 -6.27 -5.27
N TYR B 35 7.20 -7.42 -5.40
CA TYR B 35 7.44 -8.61 -4.58
C TYR B 35 7.90 -9.77 -5.46
N PRO B 36 9.10 -9.68 -6.07
CA PRO B 36 9.37 -10.54 -7.23
C PRO B 36 9.45 -12.02 -6.93
N TRP B 37 9.59 -12.36 -5.66
CA TRP B 37 9.46 -13.80 -5.31
C TRP B 37 8.12 -14.41 -5.57
N THR B 38 7.03 -13.61 -5.70
CA THR B 38 5.73 -14.16 -6.06
C THR B 38 5.67 -14.74 -7.43
N GLN B 39 6.67 -14.40 -8.26
CA GLN B 39 6.83 -14.92 -9.59
C GLN B 39 6.92 -16.48 -9.54
N ARG B 40 7.46 -17.06 -8.47
CA ARG B 40 7.58 -18.51 -8.36
C ARG B 40 6.24 -19.17 -8.48
N TYR B 41 5.22 -18.53 -7.95
CA TYR B 41 3.92 -19.17 -7.87
C TYR B 41 3.26 -19.18 -9.22
N PHE B 42 3.72 -18.39 -10.18
CA PHE B 42 3.06 -18.24 -11.48
C PHE B 42 3.96 -18.78 -12.60
N GLY B 43 4.45 -19.99 -12.41
CA GLY B 43 5.30 -20.68 -13.40
C GLY B 43 4.67 -20.85 -14.79
N ALA B 44 3.36 -21.03 -14.83
CA ALA B 44 2.63 -21.22 -16.09
C ALA B 44 2.67 -20.02 -17.06
N PHE B 45 3.06 -18.83 -16.61
CA PHE B 45 2.94 -17.58 -17.40
C PHE B 45 4.13 -17.30 -18.33
N GLY B 46 5.19 -18.05 -18.15
CA GLY B 46 6.34 -17.96 -19.06
C GLY B 46 7.28 -16.95 -18.45
N ASN B 47 7.89 -16.10 -19.29
CA ASN B 47 8.88 -15.21 -18.79
C ASN B 47 8.25 -13.97 -18.10
N ILE B 48 8.38 -13.92 -16.77
CA ILE B 48 7.90 -12.79 -15.93
C ILE B 48 9.05 -12.37 -15.02
N SER B 49 10.27 -12.31 -15.55
CA SER B 49 11.47 -12.12 -14.69
C SER B 49 11.88 -10.68 -14.65
N ASP B 50 11.30 -9.82 -15.49
CA ASP B 50 11.59 -8.41 -15.41
C ASP B 50 10.40 -7.55 -15.74
N ALA B 51 10.50 -6.28 -15.35
CA ALA B 51 9.33 -5.40 -15.39
C ALA B 51 8.74 -5.25 -16.80
N ALA B 52 9.56 -5.03 -17.82
CA ALA B 52 8.97 -4.81 -19.17
C ALA B 52 8.26 -6.14 -19.63
N ALA B 53 8.89 -7.26 -19.36
CA ALA B 53 8.32 -8.59 -19.70
C ALA B 53 7.00 -8.91 -18.94
N ILE B 54 6.98 -8.61 -17.63
CA ILE B 54 5.75 -8.75 -16.84
C ILE B 54 4.65 -7.88 -17.44
N ALA B 55 4.97 -6.62 -17.68
CA ALA B 55 3.94 -5.65 -18.11
C ALA B 55 3.35 -5.90 -19.47
N GLY B 56 4.16 -6.44 -20.40
CA GLY B 56 3.66 -6.81 -21.73
C GLY B 56 3.05 -8.23 -21.82
N ASN B 57 3.10 -9.02 -20.74
CA ASN B 57 2.67 -10.43 -20.77
C ASN B 57 1.17 -10.59 -20.75
N ALA B 58 0.61 -11.15 -21.83
CA ALA B 58 -0.80 -11.31 -22.03
C ALA B 58 -1.41 -12.25 -20.96
N LYS B 59 -0.66 -13.24 -20.47
CA LYS B 59 -1.16 -14.11 -19.37
C LYS B 59 -1.24 -13.39 -18.01
N VAL B 60 -0.31 -12.48 -17.76
CA VAL B 60 -0.37 -11.61 -16.58
C VAL B 60 -1.65 -10.77 -16.69
N HIS B 61 -1.92 -10.21 -17.88
CA HIS B 61 -3.13 -9.41 -18.11
C HIS B 61 -4.40 -10.21 -17.87
N ALA B 62 -4.49 -11.38 -18.46
CA ALA B 62 -5.71 -12.16 -18.30
C ALA B 62 -5.89 -12.58 -16.82
N HIS B 63 -4.80 -12.94 -16.16
CA HIS B 63 -4.94 -13.38 -14.80
C HIS B 63 -5.29 -12.19 -13.85
N GLY B 64 -4.77 -11.01 -14.11
CA GLY B 64 -5.14 -9.84 -13.32
C GLY B 64 -6.65 -9.57 -13.36
N LYS B 65 -7.21 -9.72 -14.56
CA LYS B 65 -8.66 -9.55 -14.83
C LYS B 65 -9.46 -10.57 -14.05
N THR B 66 -8.99 -11.81 -14.04
CA THR B 66 -9.62 -12.89 -13.23
C THR B 66 -9.63 -12.56 -11.71
N VAL B 67 -8.49 -12.10 -11.21
CA VAL B 67 -8.38 -11.68 -9.81
C VAL B 67 -9.35 -10.56 -9.54
N LEU B 68 -9.43 -9.57 -10.43
CA LEU B 68 -10.33 -8.49 -10.19
C LEU B 68 -11.81 -8.86 -10.30
N SER B 69 -12.16 -9.77 -11.19
CA SER B 69 -13.54 -10.30 -11.22
C SER B 69 -13.89 -11.03 -9.89
N SER B 70 -12.95 -11.74 -9.34
CA SER B 70 -13.12 -12.37 -8.00
C SER B 70 -13.27 -11.34 -6.91
N VAL B 71 -12.56 -10.23 -7.04
CA VAL B 71 -12.83 -9.08 -6.19
C VAL B 71 -14.30 -8.61 -6.33
N GLY B 72 -14.77 -8.50 -7.57
CA GLY B 72 -16.18 -8.24 -7.88
C GLY B 72 -17.14 -9.17 -7.17
N ILE B 73 -16.85 -10.48 -7.24
CA ILE B 73 -17.57 -11.53 -6.52
C ILE B 73 -17.49 -11.33 -4.99
N ALA B 74 -16.32 -10.98 -4.42
CA ALA B 74 -16.27 -10.67 -2.98
C ALA B 74 -17.20 -9.54 -2.62
N ILE B 75 -17.23 -8.50 -3.47
CA ILE B 75 -18.12 -7.34 -3.22
C ILE B 75 -19.57 -7.84 -3.16
N ALA B 76 -19.97 -8.67 -4.14
CA ALA B 76 -21.33 -9.26 -4.17
C ALA B 76 -21.62 -10.16 -2.94
N HIS B 77 -20.59 -10.76 -2.38
CA HIS B 77 -20.74 -11.51 -1.15
C HIS B 77 -20.16 -10.78 0.05
N MET B 78 -20.20 -9.44 0.07
CA MET B 78 -19.45 -8.71 1.11
C MET B 78 -19.97 -8.89 2.56
N ASP B 79 -21.21 -9.37 2.66
CA ASP B 79 -21.77 -9.80 3.95
C ASP B 79 -21.49 -11.26 4.31
N ASP B 80 -20.88 -12.06 3.45
CA ASP B 80 -20.67 -13.50 3.76
C ASP B 80 -19.41 -14.09 3.12
N LEU B 81 -18.33 -13.32 3.11
CA LEU B 81 -17.19 -13.63 2.25
C LEU B 81 -16.36 -14.85 2.68
N ALA B 82 -16.06 -14.95 3.98
CA ALA B 82 -15.40 -16.16 4.60
C ALA B 82 -16.01 -17.41 4.00
N GLY B 83 -17.34 -17.48 4.05
CA GLY B 83 -18.09 -18.52 3.37
C GLY B 83 -18.00 -18.61 1.84
N ALA B 84 -18.26 -17.51 1.12
CA ALA B 84 -18.18 -17.53 -0.34
C ALA B 84 -16.78 -17.92 -0.86
N PHE B 85 -15.73 -17.59 -0.08
CA PHE B 85 -14.37 -17.83 -0.55
C PHE B 85 -13.73 -19.13 -0.07
N THR B 86 -14.52 -20.05 0.46
CA THR B 86 -13.93 -21.18 1.14
C THR B 86 -13.08 -22.00 0.19
N ALA B 87 -13.60 -22.27 -1.00
CA ALA B 87 -12.89 -23.08 -1.97
C ALA B 87 -11.66 -22.33 -2.42
N LEU B 88 -11.82 -21.03 -2.68
CA LEU B 88 -10.71 -20.21 -3.18
C LEU B 88 -9.58 -20.13 -2.15
N SER B 89 -9.93 -19.98 -0.89
CA SER B 89 -8.97 -20.04 0.20
C SER B 89 -8.23 -21.35 0.20
N ALA B 90 -9.02 -22.45 0.21
CA ALA B 90 -8.51 -23.82 0.24
C ALA B 90 -7.61 -24.07 -0.95
N PHE B 91 -8.05 -23.61 -2.11
CA PHE B 91 -7.21 -23.67 -3.25
C PHE B 91 -5.83 -22.94 -3.09
N HIS B 92 -5.80 -21.74 -2.49
CA HIS B 92 -4.52 -21.01 -2.34
C HIS B 92 -3.60 -21.64 -1.29
N SER B 93 -4.18 -22.25 -0.28
CA SER B 93 -3.45 -22.95 0.74
C SER B 93 -2.95 -24.34 0.27
N GLU B 94 -3.90 -25.25 -0.03
CA GLU B 94 -3.56 -26.67 -0.19
C GLU B 94 -2.99 -27.04 -1.54
N THR B 95 -3.44 -26.39 -2.61
CA THR B 95 -2.89 -26.65 -3.96
C THR B 95 -1.66 -25.77 -4.24
N LEU B 96 -1.72 -24.48 -3.91
CA LEU B 96 -0.67 -23.54 -4.31
C LEU B 96 0.38 -23.21 -3.21
N HIS B 97 0.01 -23.38 -1.94
CA HIS B 97 0.87 -23.08 -0.79
C HIS B 97 1.32 -21.59 -0.74
N VAL B 98 0.41 -20.67 -0.99
CA VAL B 98 0.78 -19.27 -1.02
C VAL B 98 0.93 -18.88 0.44
N ASP B 99 2.09 -18.33 0.84
CA ASP B 99 2.17 -17.72 2.19
C ASP B 99 1.17 -16.53 2.21
N PRO B 100 0.34 -16.41 3.27
CA PRO B 100 -0.67 -15.37 3.25
C PRO B 100 -0.23 -13.91 3.42
N ASP B 101 1.04 -13.70 3.78
CA ASP B 101 1.65 -12.38 3.71
C ASP B 101 1.49 -11.82 2.33
N ASN B 102 1.55 -12.68 1.32
CA ASN B 102 1.39 -12.24 -0.06
C ASN B 102 0.00 -11.72 -0.39
N PHE B 103 -1.03 -12.13 0.36
CA PHE B 103 -2.36 -11.57 0.18
C PHE B 103 -2.38 -10.06 0.51
N GLU B 104 -1.66 -9.65 1.53
CA GLU B 104 -1.60 -8.23 1.82
C GLU B 104 -0.69 -7.44 0.93
N HIS B 105 0.39 -8.05 0.41
CA HIS B 105 1.14 -7.41 -0.69
C HIS B 105 0.21 -7.10 -1.86
N PHE B 106 -0.62 -8.07 -2.22
CA PHE B 106 -1.56 -7.90 -3.31
C PHE B 106 -2.61 -6.81 -3.03
N GLY B 107 -3.18 -6.84 -1.83
CA GLY B 107 -4.06 -5.79 -1.37
C GLY B 107 -3.44 -4.40 -1.45
N ASP B 108 -2.22 -4.28 -1.01
CA ASP B 108 -1.54 -3.03 -1.09
C ASP B 108 -1.39 -2.61 -2.55
N CYS B 109 -1.06 -3.54 -3.43
CA CYS B 109 -0.93 -3.20 -4.81
C CYS B 109 -2.24 -2.65 -5.39
N LEU B 110 -3.33 -3.32 -5.04
CA LEU B 110 -4.65 -3.00 -5.50
C LEU B 110 -5.03 -1.61 -5.02
N SER B 111 -4.89 -1.31 -3.73
CA SER B 111 -5.18 0.03 -3.23
C SER B 111 -4.37 1.11 -3.94
N ILE B 112 -3.07 0.83 -4.16
CA ILE B 112 -2.15 1.76 -4.88
C ILE B 112 -2.65 2.05 -6.30
N VAL B 113 -3.06 0.98 -6.96
CA VAL B 113 -3.60 1.12 -8.31
C VAL B 113 -4.91 1.96 -8.34
N LEU B 114 -5.83 1.69 -7.40
CA LEU B 114 -7.05 2.46 -7.32
C LEU B 114 -6.76 3.95 -7.10
N ALA B 115 -5.73 4.26 -6.30
CA ALA B 115 -5.32 5.64 -6.07
C ALA B 115 -4.78 6.26 -7.34
N ALA B 116 -3.98 5.49 -8.07
CA ALA B 116 -3.36 6.00 -9.31
C ALA B 116 -4.48 6.24 -10.34
N THR B 117 -5.46 5.34 -10.36
CA THR B 117 -6.54 5.33 -11.35
C THR B 117 -7.53 6.44 -11.08
N PHE B 118 -7.86 6.63 -9.81
CA PHE B 118 -8.91 7.53 -9.38
C PHE B 118 -8.49 8.87 -8.92
N GLY B 119 -7.19 9.05 -8.64
CA GLY B 119 -6.71 10.29 -8.08
C GLY B 119 -7.51 10.81 -6.88
N THR B 120 -7.85 12.10 -6.95
CA THR B 120 -8.51 12.76 -5.80
C THR B 120 -9.88 12.19 -5.49
N ALA B 121 -10.53 11.48 -6.42
CA ALA B 121 -11.73 10.75 -6.07
C ALA B 121 -11.52 9.61 -5.06
N TYR B 122 -10.30 9.08 -4.95
CA TYR B 122 -9.96 8.12 -3.92
C TYR B 122 -9.69 8.88 -2.60
N THR B 123 -10.72 9.44 -2.02
CA THR B 123 -10.66 10.30 -0.87
C THR B 123 -10.27 9.45 0.34
N PRO B 124 -9.80 10.08 1.40
CA PRO B 124 -9.51 9.25 2.57
C PRO B 124 -10.58 8.30 3.06
N ASP B 125 -11.85 8.74 3.04
CA ASP B 125 -12.97 7.89 3.44
C ASP B 125 -13.23 6.75 2.46
N VAL B 126 -13.05 7.01 1.16
CA VAL B 126 -13.30 5.97 0.16
C VAL B 126 -12.14 4.96 0.28
N HIS B 127 -10.92 5.48 0.42
CA HIS B 127 -9.66 4.64 0.69
C HIS B 127 -9.88 3.78 1.93
N ALA B 128 -10.42 4.35 2.99
CA ALA B 128 -10.66 3.60 4.23
C ALA B 128 -11.64 2.47 4.03
N ALA B 129 -12.70 2.77 3.29
CA ALA B 129 -13.65 1.69 3.01
C ALA B 129 -13.04 0.58 2.14
N TRP B 130 -12.27 0.96 1.11
CA TRP B 130 -11.61 0.00 0.29
C TRP B 130 -10.53 -0.83 1.08
N GLN B 131 -9.84 -0.19 2.01
CA GLN B 131 -8.88 -0.94 2.81
C GLN B 131 -9.65 -1.96 3.64
N LYS B 132 -10.83 -1.59 4.16
CA LYS B 132 -11.66 -2.54 4.95
C LYS B 132 -12.08 -3.67 4.05
N MET B 133 -12.50 -3.35 2.83
CA MET B 133 -12.90 -4.43 1.90
C MET B 133 -11.73 -5.40 1.60
N ILE B 134 -10.55 -4.83 1.40
CA ILE B 134 -9.36 -5.62 1.08
C ILE B 134 -9.03 -6.48 2.30
N ALA B 135 -9.10 -5.89 3.50
CA ALA B 135 -8.81 -6.65 4.74
C ALA B 135 -9.77 -7.84 4.89
N VAL B 136 -11.00 -7.68 4.42
CA VAL B 136 -11.98 -8.75 4.51
C VAL B 136 -11.67 -9.84 3.52
N ILE B 137 -11.28 -9.43 2.34
CA ILE B 137 -10.83 -10.36 1.33
C ILE B 137 -9.59 -11.13 1.83
N ILE B 138 -8.64 -10.43 2.42
CA ILE B 138 -7.41 -11.09 2.87
C ILE B 138 -7.71 -12.17 3.94
N SER B 139 -8.56 -11.79 4.88
CA SER B 139 -8.99 -12.62 5.96
C SER B 139 -9.74 -13.83 5.48
N ALA B 140 -10.67 -13.62 4.56
CA ALA B 140 -11.32 -14.76 3.89
C ALA B 140 -10.37 -15.72 3.17
N LEU B 141 -9.34 -15.19 2.49
CA LEU B 141 -8.40 -16.04 1.71
C LEU B 141 -7.41 -16.74 2.61
N SER B 142 -7.08 -16.11 3.73
CA SER B 142 -6.19 -16.71 4.74
C SER B 142 -6.89 -17.76 5.65
N LYS B 143 -8.22 -17.84 5.64
CA LYS B 143 -8.96 -18.61 6.69
C LYS B 143 -8.73 -20.13 6.67
N GLU B 144 -8.90 -20.77 5.50
CA GLU B 144 -8.62 -22.22 5.37
C GLU B 144 -7.10 -22.56 5.43
N TYR B 145 -6.27 -21.71 6.08
CA TYR B 145 -4.93 -22.13 6.51
C TYR B 145 -5.02 -22.93 7.83
N HIS B 146 -5.95 -22.59 8.73
CA HIS B 146 -6.27 -23.43 9.94
C HIS B 146 -7.76 -23.44 10.27
CHA HEM C . 6.83 12.63 15.63
CHB HEM C . 8.73 11.22 11.41
CHC HEM C . 6.23 7.06 11.68
CHD HEM C . 3.90 8.76 15.53
C1A HEM C . 7.64 12.58 14.51
C2A HEM C . 8.54 13.62 14.12
C3A HEM C . 9.06 13.21 12.90
C4A HEM C . 8.45 11.96 12.56
CMA HEM C . 10.12 13.99 12.10
CAA HEM C . 8.91 14.86 14.93
CBA HEM C . 8.16 16.11 14.57
CGA HEM C . 8.56 17.34 15.39
O1A HEM C . 7.66 18.15 15.72
O2A HEM C . 9.75 17.57 15.74
C1B HEM C . 8.23 9.93 11.09
C2B HEM C . 8.65 9.18 9.93
C3B HEM C . 7.97 7.99 9.99
C4B HEM C . 7.12 8.06 11.23
CMB HEM C . 9.62 9.63 8.84
CAB HEM C . 7.90 6.87 9.02
CBB HEM C . 8.18 6.99 7.74
C1C HEM C . 5.34 7.12 12.75
C2C HEM C . 4.27 6.25 13.02
C3C HEM C . 3.57 6.73 14.10
C4C HEM C . 4.28 7.93 14.50
CMC HEM C . 3.94 5.05 12.18
CAC HEM C . 2.32 6.30 14.77
CBC HEM C . 1.45 5.49 14.21
C1D HEM C . 4.52 9.94 15.82
C2D HEM C . 4.02 10.78 16.91
C3D HEM C . 4.83 11.83 16.95
C4D HEM C . 5.80 11.67 15.86
CMD HEM C . 2.88 10.53 17.87
CAD HEM C . 4.72 13.02 17.86
CBD HEM C . 3.96 14.07 16.98
CGD HEM C . 3.32 15.20 17.76
O1D HEM C . 2.56 16.06 17.33
O2D HEM C . 3.48 15.27 18.96
NA HEM C . 7.58 11.57 13.54
NB HEM C . 7.41 9.20 11.84
NC HEM C . 5.34 8.12 13.66
ND HEM C . 5.60 10.47 15.23
FE HEM C . 6.48 9.85 13.63
CHA HEM D . -5.60 -18.32 -9.18
CHB HEM D . -7.97 -14.95 -6.74
CHC HEM D . -3.89 -13.60 -4.43
CHD HEM D . -1.54 -17.11 -6.76
C1A HEM D . -6.59 -17.52 -8.69
C2A HEM D . -7.91 -17.53 -9.18
C3A HEM D . -8.57 -16.59 -8.50
C4A HEM D . -7.66 -15.98 -7.62
CMA HEM D . -10.02 -16.25 -8.67
CAA HEM D . -8.51 -18.47 -10.23
CBA HEM D . -8.73 -19.72 -9.40
CGA HEM D . -9.52 -20.76 -10.12
O1A HEM D . -9.10 -21.21 -11.21
O2A HEM D . -10.59 -21.18 -9.61
C1B HEM D . -7.05 -14.23 -5.91
C2B HEM D . -7.44 -13.14 -5.10
C3B HEM D . -6.31 -12.72 -4.45
C4B HEM D . -5.22 -13.64 -4.85
CMB HEM D . -8.76 -12.44 -4.90
CAB HEM D . -6.50 -11.59 -3.52
CBB HEM D . -5.64 -11.26 -2.63
C1C HEM D . -2.85 -14.43 -4.86
C2C HEM D . -1.47 -14.28 -4.50
C3C HEM D . -0.80 -15.31 -5.17
C4C HEM D . -1.80 -16.05 -5.92
CMC HEM D . -0.93 -13.20 -3.57
CAC HEM D . 0.64 -15.60 -5.21
CBC HEM D . 1.53 -14.76 -4.70
C1D HEM D . -2.51 -17.68 -7.62
C2D HEM D . -2.11 -18.74 -8.57
C3D HEM D . -3.22 -19.09 -9.23
C4D HEM D . -4.30 -18.23 -8.70
CMD HEM D . -0.71 -19.39 -8.78
CAD HEM D . -3.31 -20.13 -10.35
CBD HEM D . -2.91 -19.34 -11.61
CGD HEM D . -2.68 -20.15 -12.88
O1D HEM D . -3.63 -20.31 -13.64
O2D HEM D . -1.55 -20.58 -13.24
NA HEM D . -6.45 -16.57 -7.75
NB HEM D . -5.76 -14.53 -5.72
NC HEM D . -2.98 -15.48 -5.74
ND HEM D . -3.83 -17.41 -7.71
FE HEM D . -4.76 -16.06 -6.76
C1 GOL E . 0.63 -1.94 4.65
O1 GOL E . 1.65 -2.65 3.96
C2 GOL E . -0.02 -2.90 5.59
O2 GOL E . 0.95 -3.50 6.46
C3 GOL E . -0.75 -3.93 4.73
O3 GOL E . -1.87 -3.25 4.20
#